data_2V6G
#
_entry.id   2V6G
#
_cell.length_a   78.590
_cell.length_b   78.590
_cell.length_c   178.100
_cell.angle_alpha   90.00
_cell.angle_beta   90.00
_cell.angle_gamma   90.00
#
_symmetry.space_group_name_H-M   'P 43 21 2'
#
loop_
_entity.id
_entity.type
_entity.pdbx_description
1 polymer 'PROGESTERONE 5-BETA-REDUCTASE'
2 non-polymer 'NADP NICOTINAMIDE-ADENINE-DINUCLEOTIDE PHOSPHATE'
3 non-polymer 'CHLORIDE ION'
4 non-polymer 'SODIUM ION'
5 water water
#
_entity_poly.entity_id   1
_entity_poly.type   'polypeptide(L)'
_entity_poly.pdbx_seq_one_letter_code
;SSVALIVGVTGIIGNSLAEILPLADTPGGPWKVYGVARRTRPAWHEDNPINYVQCDISDPDDSQAKLSPLTDVTHVFYVT
WANRSTEQENCEANSKMFRNVLDAVIPNCPNLKHISLQTGRKHYMGPFESYGKIESHDPPYTEDLPRLKYMNFYYDLEDI
MLEEVEKKEGLTWSVHRPGNIFGFSPYSMMNLVGTLCVYAAICKHEGKVLRFTGCKAAWDGYSDCSDADLIAEHHIWAAV
DPYAKNEAFNVSNGDVFKWKHFWKVLAEQFGVECGEYEEGVDLKLQDLMKGKEPVWEEIVRENGLTPTKLKDVGIWWFGD
VILGNECFLDSMNKSKEHGFLGFRNSKNAFISWIDKAKAYKIVP
;
_entity_poly.pdbx_strand_id   A
#
loop_
_chem_comp.id
_chem_comp.type
_chem_comp.name
_chem_comp.formula
CL non-polymer 'CHLORIDE ION' 'Cl -1'
NA non-polymer 'SODIUM ION' 'Na 1'
NAP non-polymer 'NADP NICOTINAMIDE-ADENINE-DINUCLEOTIDE PHOSPHATE' 'C21 H28 N7 O17 P3'
#
# COMPACT_ATOMS: atom_id res chain seq x y z
N SER A 1 5.60 20.41 -18.38
CA SER A 1 5.71 20.82 -16.94
C SER A 1 4.82 19.92 -16.07
N SER A 2 5.42 19.18 -15.15
CA SER A 2 4.68 18.11 -14.50
C SER A 2 4.12 18.48 -13.13
N VAL A 3 2.83 18.18 -12.93
CA VAL A 3 2.09 18.52 -11.71
C VAL A 3 1.26 17.33 -11.19
N ALA A 4 1.69 16.74 -10.08
CA ALA A 4 1.06 15.53 -9.52
C ALA A 4 -0.03 15.80 -8.49
N LEU A 5 -1.07 14.96 -8.49
CA LEU A 5 -2.10 14.94 -7.45
C LEU A 5 -2.04 13.55 -6.84
N ILE A 6 -1.47 13.47 -5.65
CA ILE A 6 -1.44 12.23 -4.88
C ILE A 6 -2.71 12.16 -4.04
N VAL A 7 -3.56 11.19 -4.36
CA VAL A 7 -4.80 10.98 -3.61
C VAL A 7 -4.61 9.83 -2.61
N GLY A 8 -4.49 10.23 -1.35
CA GLY A 8 -4.10 9.36 -0.23
C GLY A 8 -2.65 9.60 0.18
N VAL A 9 -2.29 10.86 0.41
CA VAL A 9 -0.87 11.26 0.50
C VAL A 9 -0.16 10.80 1.78
N THR A 10 -0.90 10.55 2.85
CA THR A 10 -0.30 10.04 4.10
C THR A 10 -0.27 8.51 4.16
N GLY A 11 -0.76 7.86 3.09
CA GLY A 11 -0.81 6.43 2.98
C GLY A 11 0.55 5.82 2.74
N ILE A 12 0.60 4.49 2.65
CA ILE A 12 1.85 3.75 2.55
C ILE A 12 2.55 4.01 1.19
N ILE A 13 1.78 4.18 0.12
CA ILE A 13 2.34 4.58 -1.16
C ILE A 13 2.35 6.09 -1.32
N GLY A 14 1.27 6.75 -0.90
CA GLY A 14 1.22 8.22 -0.98
C GLY A 14 2.47 8.89 -0.43
N ASN A 15 2.96 8.32 0.65
CA ASN A 15 4.13 8.81 1.34
C ASN A 15 5.44 8.68 0.56
N SER A 16 5.61 7.51 -0.05
CA SER A 16 6.75 7.28 -0.95
C SER A 16 6.68 8.20 -2.17
N LEU A 17 5.51 8.31 -2.78
CA LEU A 17 5.34 9.22 -3.89
C LEU A 17 5.69 10.65 -3.49
N ALA A 18 5.27 11.03 -2.29
CA ALA A 18 5.48 12.38 -1.76
C ALA A 18 6.97 12.72 -1.56
N GLU A 19 7.76 11.73 -1.14
CA GLU A 19 9.19 11.88 -0.97
C GLU A 19 9.93 11.87 -2.27
N ILE A 20 9.45 11.04 -3.17
CA ILE A 20 10.20 10.76 -4.39
C ILE A 20 9.89 11.75 -5.50
N LEU A 21 8.61 12.04 -5.72
CA LEU A 21 8.23 12.92 -6.83
C LEU A 21 9.07 14.21 -6.89
N PRO A 22 9.25 14.91 -5.75
CA PRO A 22 9.96 16.19 -5.82
C PRO A 22 11.49 16.13 -5.98
N LEU A 23 12.08 14.93 -5.98
CA LEU A 23 13.55 14.82 -6.08
C LEU A 23 14.04 15.36 -7.44
N ALA A 24 15.28 15.85 -7.44
CA ALA A 24 15.81 16.59 -8.59
C ALA A 24 15.94 15.74 -9.84
N ASP A 25 16.36 14.49 -9.66
CA ASP A 25 16.58 13.56 -10.77
C ASP A 25 15.38 12.63 -11.04
N THR A 26 14.22 12.91 -10.44
CA THR A 26 13.03 12.09 -10.71
C THR A 26 12.54 12.28 -12.17
N PRO A 27 12.40 11.18 -12.92
CA PRO A 27 11.88 11.28 -14.27
C PRO A 27 10.56 12.05 -14.34
N GLY A 28 10.42 12.89 -15.36
CA GLY A 28 9.23 13.72 -15.52
C GLY A 28 9.36 15.06 -14.82
N GLY A 29 10.44 15.23 -14.06
CA GLY A 29 10.61 16.40 -13.20
C GLY A 29 11.02 17.63 -13.97
N PRO A 30 11.11 18.79 -13.27
CA PRO A 30 10.77 18.94 -11.85
C PRO A 30 9.25 18.83 -11.60
N TRP A 31 8.86 18.11 -10.55
CA TRP A 31 7.45 17.91 -10.23
C TRP A 31 6.94 18.90 -9.19
N LYS A 32 5.76 19.45 -9.45
CA LYS A 32 4.95 20.11 -8.43
C LYS A 32 4.02 19.04 -7.90
N VAL A 33 3.81 19.00 -6.58
CA VAL A 33 3.00 17.95 -5.96
C VAL A 33 1.90 18.53 -5.07
N TYR A 34 0.67 18.04 -5.29
CA TYR A 34 -0.43 18.23 -4.36
C TYR A 34 -0.70 16.89 -3.69
N GLY A 35 -1.01 16.92 -2.39
CA GLY A 35 -1.30 15.71 -1.59
C GLY A 35 -2.62 15.81 -0.85
N VAL A 36 -3.50 14.83 -1.05
CA VAL A 36 -4.85 14.80 -0.46
C VAL A 36 -4.95 13.70 0.59
N ALA A 37 -5.53 14.07 1.74
CA ALA A 37 -5.94 13.15 2.80
C ALA A 37 -6.95 13.89 3.64
N ARG A 38 -7.69 13.16 4.49
CA ARG A 38 -8.65 13.83 5.42
C ARG A 38 -7.99 14.38 6.69
N ARG A 39 -7.20 13.56 7.38
CA ARG A 39 -6.61 14.00 8.66
C ARG A 39 -5.58 15.10 8.42
N THR A 40 -5.29 15.88 9.46
CA THR A 40 -4.23 16.90 9.36
C THR A 40 -2.85 16.22 9.22
N ARG A 41 -1.97 16.88 8.48
CA ARG A 41 -0.63 16.33 8.19
C ARG A 41 0.21 16.22 9.46
N PRO A 42 0.94 15.10 9.62
CA PRO A 42 1.70 14.88 10.86
C PRO A 42 2.90 15.83 10.93
N ALA A 43 3.33 16.19 12.13
CA ALA A 43 4.25 17.31 12.32
C ALA A 43 5.73 17.02 12.01
N TRP A 44 6.02 15.93 11.30
CA TRP A 44 7.38 15.53 10.92
C TRP A 44 7.96 16.37 9.75
N HIS A 45 9.28 16.64 9.84
CA HIS A 45 10.04 17.40 8.82
C HIS A 45 10.01 16.77 7.41
N GLU A 46 9.86 17.63 6.40
CA GLU A 46 9.94 17.25 5.01
C GLU A 46 11.12 17.97 4.35
N ASP A 47 12.03 17.20 3.76
CA ASP A 47 13.11 17.78 2.95
C ASP A 47 12.55 18.63 1.80
N ASN A 48 11.45 18.16 1.21
CA ASN A 48 10.76 18.86 0.12
C ASN A 48 9.25 18.95 0.36
N PRO A 49 8.80 19.96 1.14
CA PRO A 49 7.37 20.09 1.43
C PRO A 49 6.47 20.05 0.19
N ILE A 50 5.32 19.40 0.32
CA ILE A 50 4.32 19.36 -0.74
C ILE A 50 3.16 20.31 -0.39
N ASN A 51 2.32 20.58 -1.37
CA ASN A 51 1.11 21.38 -1.17
C ASN A 51 0.02 20.45 -0.66
N TYR A 52 -0.23 20.50 0.64
CA TYR A 52 -1.16 19.58 1.28
C TYR A 52 -2.59 20.08 1.19
N VAL A 53 -3.51 19.19 0.81
CA VAL A 53 -4.91 19.56 0.61
C VAL A 53 -5.80 18.65 1.45
N GLN A 54 -6.48 19.25 2.42
CA GLN A 54 -7.40 18.51 3.27
C GLN A 54 -8.76 18.36 2.57
N CYS A 55 -9.14 17.12 2.30
CA CYS A 55 -10.37 16.83 1.61
C CYS A 55 -10.86 15.40 1.88
N ASP A 56 -12.18 15.26 2.07
CA ASP A 56 -12.83 13.95 2.04
C ASP A 56 -13.37 13.73 0.63
N ILE A 57 -12.77 12.79 -0.11
CA ILE A 57 -13.19 12.55 -1.49
C ILE A 57 -14.51 11.78 -1.61
N SER A 58 -15.01 11.26 -0.48
CA SER A 58 -16.30 10.56 -0.48
C SER A 58 -17.47 11.55 -0.48
N ASP A 59 -17.17 12.81 -0.19
CA ASP A 59 -18.16 13.89 -0.19
C ASP A 59 -18.06 14.68 -1.50
N PRO A 60 -19.12 14.65 -2.33
CA PRO A 60 -19.01 15.34 -3.62
C PRO A 60 -18.80 16.84 -3.51
N ASP A 61 -19.43 17.48 -2.52
CA ASP A 61 -19.25 18.91 -2.29
C ASP A 61 -17.80 19.27 -1.92
N ASP A 62 -17.20 18.51 -1.01
CA ASP A 62 -15.83 18.79 -0.59
C ASP A 62 -14.81 18.55 -1.70
N SER A 63 -14.90 17.40 -2.38
CA SER A 63 -14.01 17.14 -3.52
C SER A 63 -14.14 18.21 -4.61
N GLN A 64 -15.37 18.63 -4.91
CA GLN A 64 -15.59 19.68 -5.88
C GLN A 64 -14.95 20.99 -5.41
N ALA A 65 -15.19 21.35 -4.15
CA ALA A 65 -14.62 22.56 -3.55
C ALA A 65 -13.08 22.59 -3.56
N LYS A 66 -12.46 21.44 -3.24
CA LYS A 66 -11.03 21.37 -2.94
C LYS A 66 -10.17 21.09 -4.17
N LEU A 67 -10.70 20.28 -5.07
CA LEU A 67 -9.92 19.79 -6.21
C LEU A 67 -10.16 20.57 -7.50
N SER A 68 -11.33 21.18 -7.67
CA SER A 68 -11.59 21.99 -8.88
C SER A 68 -10.57 23.12 -9.09
N PRO A 69 -10.21 23.85 -8.02
CA PRO A 69 -9.24 24.94 -8.19
C PRO A 69 -7.84 24.49 -8.64
N LEU A 70 -7.53 23.20 -8.51
CA LEU A 70 -6.19 22.69 -8.81
C LEU A 70 -6.05 22.44 -10.32
N THR A 71 -6.13 23.52 -11.09
CA THR A 71 -6.29 23.44 -12.52
C THR A 71 -5.00 23.16 -13.29
N ASP A 72 -3.85 23.11 -12.61
CA ASP A 72 -2.58 22.83 -13.30
C ASP A 72 -2.13 21.36 -13.27
N VAL A 73 -2.98 20.50 -12.71
CA VAL A 73 -2.64 19.09 -12.55
C VAL A 73 -2.51 18.34 -13.89
N THR A 74 -1.39 17.63 -14.06
CA THR A 74 -1.13 16.79 -15.26
C THR A 74 -1.29 15.30 -15.00
N HIS A 75 -0.91 14.85 -13.80
CA HIS A 75 -0.95 13.43 -13.44
C HIS A 75 -1.67 13.17 -12.13
N VAL A 76 -2.61 12.23 -12.13
CA VAL A 76 -3.32 11.80 -10.91
C VAL A 76 -2.81 10.41 -10.48
N PHE A 77 -2.41 10.30 -9.22
CA PHE A 77 -1.97 9.04 -8.60
C PHE A 77 -2.98 8.65 -7.51
N TYR A 78 -3.82 7.66 -7.83
CA TYR A 78 -4.93 7.28 -6.94
C TYR A 78 -4.53 6.11 -6.05
N VAL A 79 -4.26 6.43 -4.78
CA VAL A 79 -3.62 5.49 -3.87
C VAL A 79 -4.33 5.42 -2.51
N THR A 80 -5.64 5.18 -2.60
CA THR A 80 -6.55 5.15 -1.45
C THR A 80 -7.67 4.15 -1.72
N TRP A 81 -8.43 3.84 -0.69
CA TRP A 81 -9.59 2.97 -0.79
C TRP A 81 -10.41 3.12 0.49
N ALA A 82 -11.64 2.62 0.45
CA ALA A 82 -12.51 2.57 1.62
C ALA A 82 -12.70 1.11 2.00
N ASN A 83 -12.48 0.81 3.28
CA ASN A 83 -12.52 -0.54 3.81
C ASN A 83 -13.85 -0.79 4.50
N ARG A 84 -14.66 -1.68 3.93
CA ARG A 84 -16.01 -1.97 4.42
C ARG A 84 -16.20 -3.47 4.61
N SER A 85 -17.23 -3.82 5.36
CA SER A 85 -17.43 -5.18 5.86
C SER A 85 -17.89 -6.20 4.82
N THR A 86 -18.33 -5.73 3.66
CA THR A 86 -18.78 -6.60 2.58
C THR A 86 -18.28 -6.01 1.26
N GLU A 87 -18.07 -6.87 0.25
CA GLU A 87 -17.52 -6.41 -1.02
C GLU A 87 -18.53 -5.59 -1.81
N GLN A 88 -19.82 -5.83 -1.58
CA GLN A 88 -20.84 -5.02 -2.21
C GLN A 88 -20.65 -3.58 -1.75
N GLU A 89 -20.51 -3.43 -0.44
CA GLU A 89 -20.24 -2.14 0.20
C GLU A 89 -18.95 -1.52 -0.32
N ASN A 90 -17.89 -2.32 -0.44
CA ASN A 90 -16.63 -1.83 -1.00
C ASN A 90 -16.82 -1.22 -2.40
N CYS A 91 -17.54 -1.92 -3.28
CA CYS A 91 -17.85 -1.40 -4.62
C CYS A 91 -18.62 -0.08 -4.52
N GLU A 92 -19.61 -0.05 -3.65
CA GLU A 92 -20.41 1.14 -3.44
C GLU A 92 -19.52 2.34 -3.06
N ALA A 93 -18.84 2.23 -1.93
CA ALA A 93 -18.10 3.36 -1.34
C ALA A 93 -16.88 3.74 -2.18
N ASN A 94 -16.17 2.74 -2.70
CA ASN A 94 -14.96 3.03 -3.49
C ASN A 94 -15.26 3.67 -4.84
N SER A 95 -16.38 3.30 -5.45
CA SER A 95 -16.77 3.85 -6.74
C SER A 95 -17.12 5.34 -6.63
N LYS A 96 -17.82 5.71 -5.56
CA LYS A 96 -18.19 7.11 -5.36
C LYS A 96 -16.94 7.98 -5.22
N MET A 97 -16.03 7.57 -4.34
CA MET A 97 -14.80 8.30 -4.06
C MET A 97 -14.03 8.58 -5.35
N PHE A 98 -13.82 7.54 -6.14
CA PHE A 98 -13.02 7.65 -7.38
C PHE A 98 -13.73 8.53 -8.41
N ARG A 99 -15.03 8.34 -8.56
CA ARG A 99 -15.85 9.17 -9.45
C ARG A 99 -15.83 10.63 -8.99
N ASN A 100 -15.91 10.86 -7.69
CA ASN A 100 -15.73 12.21 -7.13
C ASN A 100 -14.40 12.87 -7.51
N VAL A 101 -13.32 12.12 -7.44
CA VAL A 101 -12.05 12.67 -7.84
C VAL A 101 -12.09 13.04 -9.34
N LEU A 102 -12.48 12.09 -10.19
CA LEU A 102 -12.45 12.33 -11.64
C LEU A 102 -13.40 13.44 -12.08
N ASP A 103 -14.60 13.49 -11.51
CA ASP A 103 -15.55 14.54 -11.86
C ASP A 103 -15.02 15.94 -11.54
N ALA A 104 -14.25 16.09 -10.46
CA ALA A 104 -13.69 17.39 -10.09
C ALA A 104 -12.47 17.78 -10.94
N VAL A 105 -11.69 16.77 -11.35
CA VAL A 105 -10.38 16.99 -11.99
C VAL A 105 -10.46 17.13 -13.51
N ILE A 106 -11.14 16.19 -14.17
CA ILE A 106 -11.15 16.12 -15.63
C ILE A 106 -11.68 17.40 -16.32
N PRO A 107 -12.80 17.97 -15.83
CA PRO A 107 -13.29 19.18 -16.49
C PRO A 107 -12.43 20.43 -16.27
N ASN A 108 -11.63 20.43 -15.20
CA ASN A 108 -10.97 21.65 -14.74
C ASN A 108 -9.46 21.67 -14.95
N CYS A 109 -8.90 20.58 -15.48
CA CYS A 109 -7.48 20.46 -15.75
C CYS A 109 -7.21 20.30 -17.25
N PRO A 110 -6.98 21.45 -17.94
CA PRO A 110 -6.76 21.42 -19.38
C PRO A 110 -5.51 20.65 -19.80
N ASN A 111 -4.53 20.55 -18.90
CA ASN A 111 -3.29 19.83 -19.21
C ASN A 111 -3.24 18.41 -18.63
N LEU A 112 -4.36 17.92 -18.12
CA LEU A 112 -4.43 16.56 -17.58
C LEU A 112 -3.99 15.53 -18.63
N LYS A 113 -3.02 14.68 -18.26
CA LYS A 113 -2.38 13.71 -19.16
C LYS A 113 -2.62 12.26 -18.77
N HIS A 114 -2.67 11.95 -17.47
CA HIS A 114 -2.63 10.56 -17.05
C HIS A 114 -3.29 10.30 -15.69
N ILE A 115 -3.96 9.15 -15.61
CA ILE A 115 -4.52 8.64 -14.37
C ILE A 115 -3.91 7.29 -14.06
N SER A 116 -3.21 7.26 -12.94
CA SER A 116 -2.55 6.06 -12.44
C SER A 116 -3.38 5.51 -11.28
N LEU A 117 -3.93 4.31 -11.46
CA LEU A 117 -4.80 3.70 -10.46
C LEU A 117 -4.08 2.53 -9.79
N GLN A 118 -3.96 2.58 -8.46
CA GLN A 118 -3.41 1.45 -7.70
C GLN A 118 -4.52 0.53 -7.21
N THR A 119 -4.47 -0.73 -7.61
CA THR A 119 -5.29 -1.78 -7.04
C THR A 119 -4.37 -2.78 -6.36
N GLY A 120 -4.36 -4.03 -6.82
CA GLY A 120 -3.58 -5.08 -6.16
C GLY A 120 -3.88 -6.50 -6.63
N ARG A 121 -3.22 -7.44 -5.97
CA ARG A 121 -3.24 -8.85 -6.34
C ARG A 121 -4.58 -9.56 -6.12
N LYS A 122 -5.47 -8.94 -5.34
CA LYS A 122 -6.83 -9.47 -5.18
C LYS A 122 -7.63 -9.44 -6.49
N HIS A 123 -7.12 -8.68 -7.47
CA HIS A 123 -7.62 -8.78 -8.85
C HIS A 123 -7.73 -10.25 -9.29
N TYR A 124 -6.69 -11.02 -8.96
CA TYR A 124 -6.56 -12.43 -9.36
C TYR A 124 -7.10 -13.42 -8.32
N MET A 125 -7.19 -13.00 -7.05
CA MET A 125 -7.57 -13.89 -5.94
C MET A 125 -9.03 -13.73 -5.54
N GLY A 126 -9.59 -12.56 -5.80
CA GLY A 126 -10.94 -12.24 -5.35
C GLY A 126 -10.92 -11.54 -4.01
N PRO A 127 -12.09 -11.04 -3.57
CA PRO A 127 -12.15 -10.17 -2.39
C PRO A 127 -11.89 -10.89 -1.06
N PHE A 128 -11.38 -10.16 -0.06
CA PHE A 128 -11.12 -10.73 1.27
C PHE A 128 -12.25 -11.65 1.74
N GLU A 129 -13.50 -11.29 1.44
CA GLU A 129 -14.65 -12.10 1.85
C GLU A 129 -14.70 -13.48 1.16
N SER A 130 -14.10 -13.60 -0.03
CA SER A 130 -14.16 -14.84 -0.80
C SER A 130 -13.09 -15.88 -0.40
N TYR A 131 -12.06 -15.42 0.32
CA TYR A 131 -10.89 -16.23 0.67
C TYR A 131 -11.25 -17.61 1.23
N GLY A 132 -10.76 -18.65 0.54
CA GLY A 132 -11.00 -20.03 0.95
C GLY A 132 -12.36 -20.58 0.58
N LYS A 133 -13.21 -19.76 -0.03
CA LYS A 133 -14.59 -20.16 -0.40
C LYS A 133 -14.75 -20.29 -1.91
N ILE A 134 -13.71 -19.93 -2.64
CA ILE A 134 -13.81 -19.61 -4.05
C ILE A 134 -12.57 -20.07 -4.80
N GLU A 135 -12.76 -20.65 -5.98
CA GLU A 135 -11.66 -21.01 -6.86
C GLU A 135 -11.04 -19.72 -7.39
N SER A 136 -9.71 -19.59 -7.27
CA SER A 136 -9.00 -18.46 -7.85
C SER A 136 -8.07 -18.94 -8.97
N HIS A 137 -7.21 -18.05 -9.45
CA HIS A 137 -6.36 -18.35 -10.59
C HIS A 137 -5.14 -19.18 -10.20
N ASP A 138 -4.57 -19.88 -11.19
CA ASP A 138 -3.29 -20.58 -11.00
C ASP A 138 -2.15 -19.56 -11.07
N PRO A 139 -1.31 -19.47 -10.01
CA PRO A 139 -0.11 -18.62 -10.10
C PRO A 139 1.05 -19.26 -10.91
N PRO A 140 2.06 -18.46 -11.29
CA PRO A 140 2.17 -17.02 -11.08
C PRO A 140 1.21 -16.19 -11.93
N TYR A 141 0.61 -15.19 -11.29
CA TYR A 141 -0.43 -14.38 -11.90
C TYR A 141 0.12 -13.44 -12.97
N THR A 142 -0.50 -13.50 -14.14
CA THR A 142 -0.14 -12.62 -15.23
C THR A 142 -1.33 -11.74 -15.58
N GLU A 143 -1.05 -10.59 -16.16
CA GLU A 143 -2.06 -9.57 -16.42
C GLU A 143 -3.04 -9.94 -17.55
N ASP A 144 -2.74 -10.97 -18.34
CA ASP A 144 -3.65 -11.41 -19.39
C ASP A 144 -4.74 -12.36 -18.86
N LEU A 145 -4.72 -12.65 -17.57
CA LEU A 145 -5.71 -13.53 -16.96
C LEU A 145 -7.05 -12.82 -17.02
N PRO A 146 -8.14 -13.56 -17.27
CA PRO A 146 -9.42 -12.85 -17.19
C PRO A 146 -9.86 -12.60 -15.75
N ARG A 147 -10.70 -11.59 -15.57
CA ARG A 147 -11.40 -11.33 -14.33
C ARG A 147 -12.13 -12.56 -13.81
N LEU A 148 -12.11 -12.75 -12.50
CA LEU A 148 -12.94 -13.75 -11.83
C LEU A 148 -14.42 -13.35 -11.93
N LYS A 149 -15.31 -14.35 -11.92
CA LYS A 149 -16.75 -14.11 -11.88
C LYS A 149 -17.22 -13.96 -10.44
N TYR A 150 -16.75 -12.92 -9.77
CA TYR A 150 -17.18 -12.56 -8.41
C TYR A 150 -16.86 -11.10 -8.23
N MET A 151 -17.76 -10.36 -7.60
CA MET A 151 -17.62 -8.91 -7.53
C MET A 151 -16.32 -8.52 -6.85
N ASN A 152 -15.76 -7.41 -7.34
CA ASN A 152 -14.47 -6.91 -6.90
C ASN A 152 -14.45 -5.42 -7.17
N PHE A 153 -14.25 -4.59 -6.14
CA PHE A 153 -14.29 -3.14 -6.33
C PHE A 153 -13.17 -2.65 -7.25
N TYR A 154 -12.08 -3.42 -7.32
CA TYR A 154 -11.00 -3.18 -8.30
C TYR A 154 -11.54 -3.16 -9.75
N TYR A 155 -12.35 -4.15 -10.10
CA TYR A 155 -12.95 -4.20 -11.45
C TYR A 155 -13.81 -2.98 -11.70
N ASP A 156 -14.59 -2.60 -10.71
CA ASP A 156 -15.50 -1.45 -10.81
C ASP A 156 -14.70 -0.15 -11.02
N LEU A 157 -13.61 0.02 -10.28
CA LEU A 157 -12.75 1.21 -10.46
C LEU A 157 -12.12 1.26 -11.86
N GLU A 158 -11.64 0.11 -12.36
CA GLU A 158 -11.10 0.03 -13.74
C GLU A 158 -12.10 0.49 -14.78
N ASP A 159 -13.33 -0.01 -14.66
CA ASP A 159 -14.38 0.32 -15.62
C ASP A 159 -14.72 1.81 -15.59
N ILE A 160 -14.80 2.38 -14.38
CA ILE A 160 -15.04 3.83 -14.23
C ILE A 160 -13.94 4.62 -14.93
N MET A 161 -12.69 4.24 -14.68
CA MET A 161 -11.57 4.92 -15.30
C MET A 161 -11.59 4.85 -16.82
N LEU A 162 -11.88 3.66 -17.37
CA LEU A 162 -11.96 3.51 -18.83
C LEU A 162 -13.07 4.35 -19.44
N GLU A 163 -14.25 4.32 -18.82
CA GLU A 163 -15.36 5.21 -19.20
C GLU A 163 -14.93 6.67 -19.21
N GLU A 164 -14.41 7.11 -18.08
CA GLU A 164 -14.13 8.51 -17.82
C GLU A 164 -12.94 9.05 -18.65
N VAL A 165 -12.03 8.18 -19.06
CA VAL A 165 -10.90 8.55 -19.95
C VAL A 165 -11.36 9.01 -21.35
N GLU A 166 -12.57 8.61 -21.75
CA GLU A 166 -13.14 9.03 -23.04
C GLU A 166 -13.72 10.44 -23.03
N LYS A 167 -13.85 11.03 -21.84
CA LYS A 167 -14.22 12.45 -21.71
C LYS A 167 -13.19 13.35 -22.38
N LYS A 168 -11.93 12.96 -22.30
CA LYS A 168 -10.82 13.78 -22.76
C LYS A 168 -9.90 13.01 -23.72
N GLU A 169 -9.84 13.46 -24.97
CA GLU A 169 -8.87 12.93 -25.91
C GLU A 169 -7.46 13.23 -25.41
N GLY A 170 -6.55 12.27 -25.62
CA GLY A 170 -5.17 12.38 -25.15
C GLY A 170 -4.95 11.75 -23.79
N LEU A 171 -5.97 11.72 -22.95
CA LEU A 171 -5.87 11.24 -21.59
C LEU A 171 -5.63 9.72 -21.56
N THR A 172 -4.52 9.30 -20.95
CA THR A 172 -4.13 7.89 -20.85
C THR A 172 -4.28 7.40 -19.40
N TRP A 173 -4.13 6.09 -19.21
CA TRP A 173 -4.24 5.49 -17.87
C TRP A 173 -3.23 4.38 -17.66
N SER A 174 -3.07 4.00 -16.40
CA SER A 174 -2.33 2.78 -16.03
C SER A 174 -2.94 2.16 -14.77
N VAL A 175 -2.79 0.85 -14.63
CA VAL A 175 -3.16 0.19 -13.39
C VAL A 175 -1.93 -0.48 -12.75
N HIS A 176 -1.87 -0.41 -11.41
CA HIS A 176 -0.75 -0.94 -10.65
C HIS A 176 -1.24 -1.93 -9.58
N ARG A 177 -0.75 -3.16 -9.65
CA ARG A 177 -1.25 -4.25 -8.81
C ARG A 177 -0.16 -4.90 -7.96
N PRO A 178 0.13 -4.31 -6.79
CA PRO A 178 1.09 -4.91 -5.86
C PRO A 178 0.53 -6.08 -5.09
N GLY A 179 1.44 -6.83 -4.47
CA GLY A 179 1.08 -7.77 -3.41
C GLY A 179 1.28 -7.08 -2.08
N ASN A 180 1.55 -7.85 -1.03
CA ASN A 180 1.75 -7.26 0.30
C ASN A 180 2.84 -6.18 0.31
N ILE A 181 2.50 -4.97 0.77
CA ILE A 181 3.43 -3.83 0.73
C ILE A 181 4.33 -3.75 1.97
N PHE A 182 5.62 -3.71 1.72
CA PHE A 182 6.61 -3.40 2.74
C PHE A 182 6.92 -1.92 2.61
N GLY A 183 6.56 -1.14 3.64
CA GLY A 183 6.59 0.31 3.59
C GLY A 183 6.51 0.99 4.92
N PHE A 184 6.25 2.31 4.90
CA PHE A 184 6.17 3.13 6.11
C PHE A 184 4.97 4.05 6.03
N SER A 185 4.18 4.04 7.11
CA SER A 185 3.08 4.99 7.33
C SER A 185 2.24 4.53 8.52
N PRO A 186 2.28 5.25 9.64
CA PRO A 186 1.39 4.87 10.74
C PRO A 186 -0.08 5.26 10.49
N TYR A 187 -0.34 5.88 9.34
CA TYR A 187 -1.69 6.27 8.91
C TYR A 187 -2.38 5.17 8.11
N SER A 188 -1.61 4.17 7.66
CA SER A 188 -2.09 3.14 6.75
C SER A 188 -3.04 2.13 7.43
N MET A 189 -4.06 1.74 6.68
CA MET A 189 -4.98 0.68 7.11
C MET A 189 -4.42 -0.73 6.95
N MET A 190 -3.41 -0.89 6.09
CA MET A 190 -2.78 -2.19 5.89
C MET A 190 -1.27 -2.03 5.78
N ASN A 191 -0.59 -2.27 6.90
CA ASN A 191 0.84 -2.01 7.01
C ASN A 191 1.47 -3.14 7.78
N LEU A 192 2.01 -4.09 7.04
CA LEU A 192 2.57 -5.29 7.61
C LEU A 192 3.82 -5.00 8.41
N VAL A 193 4.77 -4.27 7.84
CA VAL A 193 6.02 -4.00 8.57
C VAL A 193 5.72 -3.27 9.88
N GLY A 194 4.89 -2.23 9.81
CA GLY A 194 4.51 -1.48 11.00
C GLY A 194 3.93 -2.40 12.06
N THR A 195 2.98 -3.23 11.64
CA THR A 195 2.30 -4.15 12.51
C THR A 195 3.30 -5.11 13.18
N LEU A 196 4.21 -5.65 12.37
CA LEU A 196 5.18 -6.60 12.89
C LEU A 196 6.16 -5.95 13.85
N CYS A 197 6.52 -4.70 13.56
CA CYS A 197 7.38 -3.92 14.46
C CYS A 197 6.76 -3.71 15.88
N VAL A 198 5.49 -3.32 15.91
CA VAL A 198 4.73 -3.12 17.17
C VAL A 198 4.66 -4.41 17.96
N TYR A 199 4.38 -5.53 17.29
CA TYR A 199 4.34 -6.86 17.93
C TYR A 199 5.68 -7.18 18.57
N ALA A 200 6.74 -6.98 17.80
CA ALA A 200 8.11 -7.27 18.25
C ALA A 200 8.53 -6.37 19.42
N ALA A 201 8.12 -5.09 19.36
CA ALA A 201 8.38 -4.11 20.44
C ALA A 201 7.75 -4.54 21.76
N ILE A 202 6.51 -5.02 21.68
CA ILE A 202 5.74 -5.52 22.83
C ILE A 202 6.37 -6.78 23.44
N CYS A 203 6.80 -7.70 22.59
CA CYS A 203 7.49 -8.90 23.02
C CYS A 203 8.76 -8.52 23.78
N LYS A 204 9.53 -7.59 23.22
CA LYS A 204 10.74 -7.09 23.87
C LYS A 204 10.42 -6.43 25.21
N HIS A 205 9.39 -5.57 25.23
CA HIS A 205 8.99 -4.92 26.47
C HIS A 205 8.60 -5.92 27.55
N GLU A 206 7.94 -7.00 27.15
CA GLU A 206 7.44 -7.99 28.11
C GLU A 206 8.41 -9.13 28.40
N GLY A 207 9.56 -9.15 27.74
CA GLY A 207 10.49 -10.28 27.90
C GLY A 207 9.93 -11.60 27.35
N LYS A 208 9.27 -11.54 26.20
CA LYS A 208 8.66 -12.73 25.61
C LYS A 208 9.31 -13.07 24.29
N VAL A 209 9.26 -14.35 23.90
CA VAL A 209 9.83 -14.73 22.63
C VAL A 209 8.90 -14.25 21.50
N LEU A 210 9.51 -13.88 20.39
CA LEU A 210 8.79 -13.50 19.20
C LEU A 210 8.24 -14.76 18.57
N ARG A 211 7.10 -15.22 19.07
CA ARG A 211 6.48 -16.42 18.56
C ARG A 211 5.89 -16.15 17.18
N PHE A 212 5.93 -17.18 16.34
CA PHE A 212 5.50 -17.08 14.97
C PHE A 212 4.00 -17.32 14.87
N THR A 213 3.30 -16.28 14.41
CA THR A 213 1.85 -16.27 14.34
C THR A 213 1.46 -16.51 12.90
N GLY A 214 1.49 -17.77 12.47
CA GLY A 214 1.17 -18.07 11.08
C GLY A 214 1.20 -19.54 10.73
N CYS A 215 1.00 -19.82 9.45
CA CYS A 215 0.93 -21.20 8.96
C CYS A 215 2.26 -21.65 8.36
N LYS A 216 2.34 -22.96 8.12
CA LYS A 216 3.53 -23.62 7.59
C LYS A 216 3.85 -23.18 6.16
N ALA A 217 2.83 -23.02 5.32
CA ALA A 217 3.04 -22.52 3.95
C ALA A 217 3.69 -21.12 3.95
N ALA A 218 3.34 -20.27 4.90
CA ALA A 218 4.01 -18.96 5.05
C ALA A 218 5.44 -19.10 5.62
N TRP A 219 5.60 -20.01 6.57
CA TRP A 219 6.88 -20.20 7.23
C TRP A 219 7.90 -20.77 6.27
N ASP A 220 7.51 -21.86 5.61
CA ASP A 220 8.43 -22.67 4.86
C ASP A 220 8.31 -22.59 3.30
N GLY A 221 7.20 -22.06 2.80
CA GLY A 221 7.02 -21.85 1.36
C GLY A 221 7.64 -20.55 0.87
N TYR A 222 7.60 -20.32 -0.44
CA TYR A 222 8.10 -19.07 -1.01
C TYR A 222 7.04 -17.99 -0.87
N SER A 223 7.49 -16.77 -0.56
CA SER A 223 6.65 -15.58 -0.57
C SER A 223 7.36 -14.51 -1.40
N ASP A 224 6.61 -13.51 -1.85
CA ASP A 224 7.21 -12.28 -2.35
C ASP A 224 6.54 -11.07 -1.68
N CYS A 225 6.98 -9.87 -2.06
CA CYS A 225 6.34 -8.63 -1.58
C CYS A 225 6.58 -7.46 -2.50
N SER A 226 5.98 -6.32 -2.16
CA SER A 226 6.03 -5.13 -3.00
C SER A 226 6.48 -3.91 -2.17
N ASP A 227 7.71 -3.47 -2.43
CA ASP A 227 8.30 -2.31 -1.78
C ASP A 227 7.60 -0.99 -2.11
N ALA A 228 7.27 -0.22 -1.08
CA ALA A 228 6.53 1.06 -1.22
C ALA A 228 7.24 2.04 -2.17
N ASP A 229 8.56 2.16 -2.04
CA ASP A 229 9.35 3.02 -2.96
C ASP A 229 9.35 2.46 -4.38
N LEU A 230 9.61 1.18 -4.53
CA LEU A 230 9.51 0.54 -5.83
C LEU A 230 8.15 0.80 -6.49
N ILE A 231 7.08 0.72 -5.69
CA ILE A 231 5.71 0.92 -6.21
C ILE A 231 5.55 2.36 -6.70
N ALA A 232 6.12 3.30 -5.93
CA ALA A 232 6.12 4.73 -6.30
C ALA A 232 6.87 4.93 -7.61
N GLU A 233 8.06 4.35 -7.70
CA GLU A 233 8.82 4.34 -8.97
C GLU A 233 8.07 3.75 -10.17
N HIS A 234 7.20 2.77 -9.91
CA HIS A 234 6.39 2.10 -10.90
C HIS A 234 5.29 3.04 -11.44
N HIS A 235 4.59 3.70 -10.51
CA HIS A 235 3.67 4.82 -10.83
C HIS A 235 4.35 5.87 -11.71
N ILE A 236 5.54 6.30 -11.30
CA ILE A 236 6.25 7.38 -12.00
C ILE A 236 6.66 6.89 -13.42
N TRP A 237 7.11 5.64 -13.52
CA TRP A 237 7.47 5.05 -14.79
C TRP A 237 6.29 5.09 -15.78
N ALA A 238 5.12 4.67 -15.31
CA ALA A 238 3.92 4.67 -16.14
C ALA A 238 3.58 6.07 -16.56
N ALA A 239 3.82 7.02 -15.67
CA ALA A 239 3.58 8.44 -15.96
C ALA A 239 4.43 8.97 -17.11
N VAL A 240 5.64 8.44 -17.29
CA VAL A 240 6.59 9.01 -18.28
C VAL A 240 6.91 8.12 -19.51
N ASP A 241 6.66 6.81 -19.42
CA ASP A 241 7.09 5.87 -20.48
C ASP A 241 5.94 5.59 -21.46
N PRO A 242 6.13 5.87 -22.77
CA PRO A 242 5.08 5.57 -23.76
C PRO A 242 4.63 4.10 -23.79
N TYR A 243 5.54 3.20 -23.51
CA TYR A 243 5.21 1.76 -23.53
C TYR A 243 4.41 1.32 -22.29
N ALA A 244 4.22 2.22 -21.34
CA ALA A 244 3.45 1.93 -20.14
C ALA A 244 1.99 2.38 -20.24
N LYS A 245 1.64 3.12 -21.30
CA LYS A 245 0.33 3.78 -21.35
C LYS A 245 -0.79 2.82 -21.71
N ASN A 246 -1.94 3.04 -21.08
CA ASN A 246 -3.12 2.19 -21.23
C ASN A 246 -2.87 0.69 -21.02
N GLU A 247 -2.22 0.35 -19.90
CA GLU A 247 -1.88 -1.03 -19.53
C GLU A 247 -2.00 -1.25 -18.03
N ALA A 248 -2.40 -2.45 -17.64
CA ALA A 248 -2.35 -2.91 -16.28
C ALA A 248 -1.04 -3.66 -16.05
N PHE A 249 -0.41 -3.40 -14.92
CA PHE A 249 0.87 -4.02 -14.58
C PHE A 249 0.92 -4.48 -13.13
N ASN A 250 1.45 -5.68 -12.91
CA ASN A 250 1.85 -6.13 -11.58
C ASN A 250 3.08 -5.34 -11.08
N VAL A 251 3.26 -5.19 -9.76
CA VAL A 251 4.52 -4.69 -9.16
C VAL A 251 4.95 -5.50 -7.92
N SER A 252 6.06 -6.23 -8.04
CA SER A 252 6.66 -6.93 -6.91
C SER A 252 8.17 -6.85 -7.05
N ASN A 253 8.87 -7.27 -6.00
CA ASN A 253 10.30 -6.94 -5.82
C ASN A 253 11.32 -7.65 -6.74
N GLY A 254 10.88 -8.73 -7.38
CA GLY A 254 11.73 -9.51 -8.33
C GLY A 254 12.55 -10.57 -7.60
N ASP A 255 12.16 -10.90 -6.37
CA ASP A 255 12.79 -11.96 -5.61
C ASP A 255 11.75 -12.67 -4.75
N VAL A 256 12.17 -13.75 -4.10
CA VAL A 256 11.32 -14.48 -3.16
C VAL A 256 12.01 -14.66 -1.84
N PHE A 257 11.22 -14.92 -0.79
CA PHE A 257 11.77 -15.12 0.52
C PHE A 257 10.89 -16.11 1.29
N LYS A 258 11.38 -16.52 2.45
CA LYS A 258 10.62 -17.36 3.38
C LYS A 258 10.54 -16.65 4.73
N TRP A 259 9.38 -16.74 5.38
CA TRP A 259 9.22 -16.12 6.70
C TRP A 259 10.11 -16.78 7.77
N LYS A 260 10.36 -18.08 7.61
CA LYS A 260 11.39 -18.75 8.40
C LYS A 260 12.60 -17.83 8.63
N HIS A 261 13.10 -17.20 7.56
CA HIS A 261 14.30 -16.35 7.62
C HIS A 261 13.99 -14.88 7.94
N PHE A 262 12.92 -14.34 7.40
CA PHE A 262 12.51 -12.96 7.76
C PHE A 262 12.18 -12.77 9.23
N TRP A 263 11.63 -13.81 9.86
CA TRP A 263 11.29 -13.77 11.28
C TRP A 263 12.53 -13.65 12.15
N LYS A 264 13.59 -14.35 11.76
CA LYS A 264 14.90 -14.24 12.39
C LYS A 264 15.45 -12.82 12.23
N VAL A 265 15.27 -12.24 11.05
CA VAL A 265 15.65 -10.84 10.80
C VAL A 265 14.90 -9.88 11.76
N LEU A 266 13.57 -9.96 11.79
CA LEU A 266 12.74 -9.21 12.73
C LEU A 266 13.28 -9.30 14.16
N ALA A 267 13.50 -10.53 14.64
CA ALA A 267 13.96 -10.78 16.01
C ALA A 267 15.27 -10.07 16.29
N GLU A 268 16.22 -10.20 15.38
CA GLU A 268 17.53 -9.55 15.53
C GLU A 268 17.44 -8.04 15.63
N GLN A 269 16.56 -7.44 14.83
CA GLN A 269 16.42 -5.97 14.82
C GLN A 269 15.81 -5.45 16.12
N PHE A 270 15.10 -6.31 16.83
CA PHE A 270 14.53 -5.92 18.10
C PHE A 270 15.20 -6.57 19.32
N GLY A 271 16.23 -7.39 19.10
CA GLY A 271 16.98 -7.97 20.24
C GLY A 271 16.11 -8.89 21.07
N VAL A 272 15.37 -9.76 20.38
CA VAL A 272 14.32 -10.54 20.99
C VAL A 272 14.50 -11.97 20.51
N GLU A 273 14.17 -12.93 21.36
CA GLU A 273 14.35 -14.34 21.02
C GLU A 273 13.37 -14.76 19.95
N CYS A 274 13.84 -15.51 18.97
CA CYS A 274 13.04 -15.83 17.79
C CYS A 274 12.27 -17.14 17.98
N GLY A 275 10.97 -17.08 17.79
CA GLY A 275 10.13 -18.26 17.86
C GLY A 275 10.24 -19.05 16.57
N GLU A 276 10.05 -20.36 16.67
CA GLU A 276 10.10 -21.24 15.52
C GLU A 276 8.67 -21.67 15.20
N TYR A 277 8.47 -22.38 14.09
CA TYR A 277 7.12 -22.79 13.73
C TYR A 277 6.57 -23.79 14.73
N GLU A 278 5.37 -23.52 15.25
CA GLU A 278 4.74 -24.34 16.28
C GLU A 278 3.67 -25.20 15.65
N GLU A 279 3.98 -26.49 15.52
CA GLU A 279 3.09 -27.43 14.87
C GLU A 279 1.83 -27.68 15.67
N GLY A 280 0.70 -27.78 14.99
CA GLY A 280 -0.54 -28.26 15.59
C GLY A 280 -1.08 -27.39 16.71
N VAL A 281 -0.67 -26.13 16.70
CA VAL A 281 -1.20 -25.12 17.60
C VAL A 281 -1.32 -23.90 16.73
N ASP A 282 -2.51 -23.35 16.63
CA ASP A 282 -2.65 -22.14 15.83
C ASP A 282 -2.72 -20.75 16.43
N LEU A 283 -1.85 -19.89 15.91
CA LEU A 283 -1.47 -18.67 16.61
C LEU A 283 -1.76 -17.46 15.75
N LYS A 284 -2.59 -16.57 16.29
CA LYS A 284 -3.02 -15.35 15.64
C LYS A 284 -2.54 -14.12 16.43
N LEU A 285 -2.11 -13.08 15.71
CA LEU A 285 -1.84 -11.77 16.32
C LEU A 285 -3.06 -11.23 17.06
N GLN A 286 -4.24 -11.34 16.45
CA GLN A 286 -5.48 -10.85 17.05
C GLN A 286 -5.64 -11.38 18.48
N ASP A 287 -5.40 -12.68 18.68
CA ASP A 287 -5.51 -13.30 20.01
C ASP A 287 -4.40 -12.80 20.95
N LEU A 288 -3.13 -12.96 20.55
CA LEU A 288 -2.00 -12.63 21.42
C LEU A 288 -1.96 -11.18 21.88
N MET A 289 -2.43 -10.27 21.03
CA MET A 289 -2.34 -8.82 21.30
C MET A 289 -3.65 -8.23 21.88
N LYS A 290 -4.62 -9.10 22.15
CA LYS A 290 -5.88 -8.74 22.80
C LYS A 290 -5.57 -8.15 24.15
N GLY A 291 -6.05 -6.93 24.40
CA GLY A 291 -5.88 -6.29 25.69
C GLY A 291 -4.52 -5.63 25.91
N LYS A 292 -3.72 -5.52 24.86
CA LYS A 292 -2.38 -4.95 25.01
C LYS A 292 -2.34 -3.42 24.88
N GLU A 293 -3.50 -2.78 24.79
CA GLU A 293 -3.55 -1.31 24.67
C GLU A 293 -2.71 -0.61 25.75
N PRO A 294 -2.90 -0.95 27.03
CA PRO A 294 -2.13 -0.24 28.07
C PRO A 294 -0.63 -0.53 28.10
N VAL A 295 -0.24 -1.73 27.71
CA VAL A 295 1.17 -2.09 27.56
C VAL A 295 1.83 -1.25 26.44
N TRP A 296 1.12 -1.06 25.33
CA TRP A 296 1.64 -0.22 24.25
C TRP A 296 1.85 1.23 24.70
N GLU A 297 0.87 1.77 25.40
CA GLU A 297 0.97 3.14 25.89
C GLU A 297 2.13 3.32 26.84
N GLU A 298 2.34 2.35 27.72
CA GLU A 298 3.52 2.31 28.59
C GLU A 298 4.80 2.35 27.77
N ILE A 299 4.87 1.57 26.70
CA ILE A 299 6.05 1.58 25.82
C ILE A 299 6.27 3.00 25.23
N VAL A 300 5.21 3.61 24.72
CA VAL A 300 5.29 4.93 24.10
C VAL A 300 5.76 5.97 25.11
N ARG A 301 5.24 5.88 26.32
CA ARG A 301 5.62 6.82 27.35
C ARG A 301 7.09 6.62 27.77
N GLU A 302 7.49 5.37 27.95
CA GLU A 302 8.83 5.07 28.45
C GLU A 302 9.91 5.42 27.45
N ASN A 303 9.57 5.39 26.18
CA ASN A 303 10.55 5.65 25.13
C ASN A 303 10.30 6.92 24.35
N GLY A 304 9.48 7.83 24.87
CA GLY A 304 9.27 9.14 24.22
C GLY A 304 8.93 8.94 22.74
N LEU A 305 7.95 8.07 22.49
CA LEU A 305 7.55 7.75 21.16
C LEU A 305 6.48 8.72 20.68
N THR A 306 6.33 8.77 19.35
CA THR A 306 5.17 9.36 18.71
C THR A 306 3.95 8.75 19.40
N PRO A 307 3.00 9.58 19.84
CA PRO A 307 1.88 9.05 20.60
C PRO A 307 0.83 8.33 19.74
N THR A 308 0.98 7.04 19.55
CA THR A 308 0.01 6.27 18.79
C THR A 308 -0.90 5.42 19.71
N LYS A 309 -2.09 5.11 19.22
CA LYS A 309 -2.96 4.14 19.87
C LYS A 309 -2.73 2.81 19.18
N LEU A 310 -2.84 1.73 19.97
CA LEU A 310 -2.51 0.41 19.51
C LEU A 310 -3.27 0.04 18.23
N LYS A 311 -4.55 0.39 18.13
CA LYS A 311 -5.34 0.07 16.94
C LYS A 311 -4.92 0.78 15.65
N ASP A 312 -4.17 1.87 15.77
CA ASP A 312 -3.78 2.62 14.59
C ASP A 312 -2.49 2.09 13.99
N VAL A 313 -1.69 1.39 14.78
CA VAL A 313 -0.41 0.85 14.28
C VAL A 313 -0.29 -0.69 14.30
N GLY A 314 -1.10 -1.35 15.11
CA GLY A 314 -1.04 -2.82 15.19
C GLY A 314 -2.23 -3.37 14.45
N ILE A 315 -2.07 -3.54 13.14
CA ILE A 315 -3.18 -3.97 12.28
C ILE A 315 -3.21 -5.49 12.25
N TRP A 316 -3.62 -6.08 13.37
CA TRP A 316 -3.51 -7.54 13.58
C TRP A 316 -4.28 -8.40 12.57
N TRP A 317 -5.47 -7.95 12.15
CA TRP A 317 -6.26 -8.74 11.19
C TRP A 317 -5.49 -8.88 9.87
N PHE A 318 -4.79 -7.81 9.49
CA PHE A 318 -4.07 -7.80 8.24
C PHE A 318 -2.84 -8.72 8.33
N GLY A 319 -2.08 -8.59 9.40
CA GLY A 319 -0.96 -9.49 9.62
C GLY A 319 -1.35 -10.96 9.66
N ASP A 320 -2.50 -11.27 10.28
CA ASP A 320 -3.00 -12.65 10.32
C ASP A 320 -3.46 -13.13 8.95
N VAL A 321 -3.97 -12.22 8.12
CA VAL A 321 -4.45 -12.63 6.79
C VAL A 321 -3.26 -13.01 5.91
N ILE A 322 -2.14 -12.30 6.09
CA ILE A 322 -0.90 -12.61 5.37
C ILE A 322 -0.24 -13.83 5.95
N LEU A 323 0.14 -13.77 7.23
CA LEU A 323 0.93 -14.84 7.83
C LEU A 323 0.15 -16.15 7.98
N GLY A 324 -1.18 -16.05 8.03
CA GLY A 324 -2.04 -17.24 8.17
C GLY A 324 -2.39 -17.91 6.87
N ASN A 325 -1.85 -17.42 5.75
CA ASN A 325 -2.14 -18.00 4.44
C ASN A 325 -0.89 -18.20 3.63
N GLU A 326 -1.00 -19.07 2.64
CA GLU A 326 0.02 -19.20 1.62
C GLU A 326 0.08 -17.95 0.74
N CYS A 327 1.29 -17.57 0.37
CA CYS A 327 1.52 -16.49 -0.57
C CYS A 327 1.54 -17.02 -2.01
N PHE A 328 0.68 -16.48 -2.87
CA PHE A 328 0.67 -16.84 -4.28
C PHE A 328 1.37 -15.75 -5.11
N LEU A 329 2.39 -16.17 -5.87
CA LEU A 329 3.28 -15.24 -6.57
C LEU A 329 2.64 -14.65 -7.82
N ASP A 330 3.13 -13.48 -8.20
CA ASP A 330 2.79 -12.86 -9.45
C ASP A 330 4.02 -12.87 -10.35
N SER A 331 3.84 -12.39 -11.59
CA SER A 331 4.94 -12.28 -12.56
C SER A 331 5.25 -10.80 -12.92
N MET A 332 6.55 -10.49 -13.01
CA MET A 332 6.99 -9.17 -13.46
C MET A 332 7.38 -9.15 -14.93
N ASN A 333 7.15 -10.24 -15.67
CA ASN A 333 7.54 -10.26 -17.07
C ASN A 333 7.01 -9.09 -17.84
N LYS A 334 5.71 -8.79 -17.69
CA LYS A 334 5.09 -7.75 -18.52
C LYS A 334 5.69 -6.38 -18.21
N SER A 335 5.83 -6.05 -16.93
CA SER A 335 6.52 -4.82 -16.54
C SER A 335 7.89 -4.71 -17.22
N LYS A 336 8.66 -5.80 -17.17
CA LYS A 336 10.04 -5.79 -17.66
C LYS A 336 10.05 -5.61 -19.15
N GLU A 337 9.11 -6.27 -19.82
CA GLU A 337 8.98 -6.22 -21.28
C GLU A 337 8.59 -4.82 -21.78
N HIS A 338 7.81 -4.12 -20.98
CA HIS A 338 7.41 -2.74 -21.27
C HIS A 338 8.43 -1.70 -20.72
N GLY A 339 9.51 -2.16 -20.08
CA GLY A 339 10.69 -1.32 -19.80
C GLY A 339 11.00 -0.97 -18.34
N PHE A 340 10.22 -1.52 -17.41
CA PHE A 340 10.46 -1.32 -16.00
C PHE A 340 11.36 -2.42 -15.42
N LEU A 341 12.62 -2.07 -15.15
CA LEU A 341 13.59 -3.01 -14.63
C LEU A 341 13.91 -2.79 -13.15
N GLY A 342 13.11 -1.98 -12.46
CA GLY A 342 13.32 -1.76 -11.05
C GLY A 342 13.09 -3.03 -10.24
N PHE A 343 13.80 -3.12 -9.12
CA PHE A 343 13.74 -4.29 -8.24
C PHE A 343 14.14 -3.88 -6.82
N ARG A 344 13.91 -4.77 -5.87
CA ARG A 344 14.44 -4.61 -4.53
C ARG A 344 14.87 -5.97 -3.98
N ASN A 345 15.96 -5.97 -3.25
CA ASN A 345 16.35 -7.05 -2.36
C ASN A 345 15.42 -6.98 -1.18
N SER A 346 14.52 -7.93 -1.05
CA SER A 346 13.45 -7.85 -0.05
C SER A 346 13.95 -7.90 1.40
N LYS A 347 14.99 -8.68 1.67
CA LYS A 347 15.60 -8.73 3.00
C LYS A 347 16.17 -7.35 3.39
N ASN A 348 17.02 -6.78 2.52
CA ASN A 348 17.60 -5.46 2.78
C ASN A 348 16.47 -4.43 2.95
N ALA A 349 15.46 -4.49 2.07
CA ALA A 349 14.35 -3.55 2.13
C ALA A 349 13.59 -3.64 3.47
N PHE A 350 13.34 -4.88 3.92
CA PHE A 350 12.68 -5.16 5.20
C PHE A 350 13.40 -4.47 6.36
N ILE A 351 14.71 -4.64 6.43
CA ILE A 351 15.52 -3.99 7.47
C ILE A 351 15.38 -2.45 7.36
N SER A 352 15.43 -1.94 6.14
CA SER A 352 15.32 -0.50 5.90
C SER A 352 13.99 0.10 6.42
N TRP A 353 12.89 -0.61 6.24
CA TRP A 353 11.56 -0.13 6.68
C TRP A 353 11.40 -0.28 8.18
N ILE A 354 11.97 -1.33 8.75
CA ILE A 354 12.07 -1.45 10.22
C ILE A 354 12.85 -0.26 10.80
N ASP A 355 14.02 0.05 10.21
CA ASP A 355 14.79 1.22 10.62
C ASP A 355 14.00 2.52 10.50
N LYS A 356 13.15 2.65 9.49
CA LYS A 356 12.40 3.88 9.31
C LYS A 356 11.35 4.03 10.40
N ALA A 357 10.63 2.94 10.70
CA ALA A 357 9.73 2.91 11.83
C ALA A 357 10.42 3.36 13.14
N LYS A 358 11.69 3.03 13.32
CA LYS A 358 12.43 3.42 14.53
C LYS A 358 12.87 4.89 14.44
N ALA A 359 13.29 5.31 13.25
CA ALA A 359 13.78 6.69 13.05
C ALA A 359 12.65 7.70 13.27
N TYR A 360 11.43 7.36 12.86
CA TYR A 360 10.26 8.23 13.10
C TYR A 360 9.60 8.01 14.47
N LYS A 361 10.25 7.21 15.33
CA LYS A 361 9.80 6.94 16.69
C LYS A 361 8.39 6.35 16.79
N ILE A 362 8.03 5.47 15.86
CA ILE A 362 6.78 4.71 15.98
C ILE A 362 7.01 3.59 17.00
N VAL A 363 8.18 2.97 16.93
CA VAL A 363 8.59 1.90 17.85
C VAL A 363 9.99 2.20 18.40
N PRO A 364 10.38 1.57 19.52
CA PRO A 364 11.71 1.80 20.06
C PRO A 364 12.74 1.00 19.27
PA NAP B . -3.36 3.45 2.91
O1A NAP B . -4.35 2.84 3.81
O2A NAP B . -1.96 3.16 3.24
O5B NAP B . -3.58 5.01 2.74
C5B NAP B . -4.86 5.52 2.44
C4B NAP B . -4.68 7.02 2.26
O4B NAP B . -5.85 7.62 1.73
C3B NAP B . -4.40 7.74 3.59
O3B NAP B . -3.56 8.86 3.34
C2B NAP B . -5.73 8.26 4.03
O2B NAP B . -5.60 9.38 4.90
C1B NAP B . -6.35 8.58 2.66
N9A NAP B . -7.82 8.52 2.64
C8A NAP B . -8.66 7.49 3.03
N7A NAP B . -9.93 7.87 2.79
C5A NAP B . -9.90 9.11 2.24
C6A NAP B . -10.90 9.98 1.82
N6A NAP B . -12.16 9.62 1.93
N1A NAP B . -10.56 11.21 1.30
C2A NAP B . -9.23 11.60 1.20
N3A NAP B . -8.23 10.72 1.62
C4A NAP B . -8.58 9.53 2.13
O3 NAP B . -3.72 2.87 1.40
PN NAP B . -2.92 1.82 0.40
O1N NAP B . -1.68 2.49 -0.09
O2N NAP B . -2.87 0.52 1.09
O5D NAP B . -3.78 1.95 -0.95
C5D NAP B . -4.99 1.36 -1.16
C4D NAP B . -4.91 0.48 -2.40
O4D NAP B . -3.71 -0.31 -2.46
C3D NAP B . -6.08 -0.46 -2.20
O3D NAP B . -6.72 -0.74 -3.41
C2D NAP B . -5.39 -1.63 -1.54
O2D NAP B . -6.21 -2.77 -1.61
C1D NAP B . -4.08 -1.66 -2.34
N1N NAP B . -3.08 -2.57 -1.73
C2N NAP B . -2.58 -2.38 -0.46
C3N NAP B . -1.67 -3.29 0.08
C7N NAP B . -0.96 -2.98 1.38
O7N NAP B . -0.12 -3.97 1.94
N7N NAP B . -1.15 -1.79 1.94
C4N NAP B . -1.27 -4.40 -0.67
C5N NAP B . -1.79 -4.58 -1.95
C6N NAP B . -2.70 -3.67 -2.46
P2B NAP B . -6.82 9.86 5.86
O1X NAP B . -7.34 8.65 6.59
O2X NAP B . -7.87 10.51 5.00
O3X NAP B . -6.30 10.90 6.81
CL CL C . -4.77 -6.56 -3.18
NA NA D . 13.76 0.44 -0.08
#